data_3FHX
#
_entry.id   3FHX
#
_cell.length_a   91.224
_cell.length_b   115.422
_cell.length_c   168.898
_cell.angle_alpha   90.000
_cell.angle_beta   90.000
_cell.angle_gamma   90.000
#
_symmetry.space_group_name_H-M   'I 2 2 2'
#
loop_
_entity.id
_entity.type
_entity.pdbx_description
1 polymer 'Pyridoxal kinase'
2 non-polymer 'MAGNESIUM ION'
3 non-polymer 'SODIUM ION'
4 non-polymer "ADENOSINE-5'-TRIPHOSPHATE"
5 non-polymer 3-HYDROXY-5-(HYDROXYMETHYL)-2-METHYLISONICOTINALDEHYDE
6 non-polymer 'SULFATE ION'
7 non-polymer (4S)-2-METHYL-2,4-PENTANEDIOL
8 non-polymer "PYRIDOXAL-5'-PHOSPHATE"
9 water water
#
_entity_poly.entity_id   1
_entity_poly.type   'polypeptide(L)'
_entity_poly.pdbx_seq_one_letter_code
;MEEECRVLSIQSHVIRGYVGNRAATFPLQVLGFEIDAVNSVQFSNHTGYAHWKGQVLNSDELQELYEGLRLNNMNKYDYV
LTGYTRDKSFLAMVVDIVQELKQQNPRLVYVCDPVLGDKWDGEGSMYVPEDLLPVYKEKVVPLADIITPNQFEAELLSGR
KIHSQEEALRVMDMLHSMGPDTVVITSSDLPSPQGSNYLIVLGSQRRRNPAGSVVMERIRMDIRKVDAVFVGTGALFAAM
LLAWTHKHPNNLKVACEKTVSTLHHVLQRTIQCAKAQAGEGVRPSPMQLELRMVQSKRDIEDPEIVVQATVL
;
_entity_poly.pdbx_strand_id   A,B
#
# COMPACT_ATOMS: atom_id res chain seq x y z
N GLU A 3 15.36 -13.55 -8.95
CA GLU A 3 14.66 -14.49 -8.05
C GLU A 3 13.45 -13.85 -7.39
N GLU A 4 13.61 -13.38 -6.14
CA GLU A 4 12.52 -12.75 -5.42
C GLU A 4 13.00 -12.16 -4.10
N CYS A 5 12.78 -10.86 -3.93
CA CYS A 5 13.22 -10.15 -2.73
C CYS A 5 12.05 -9.73 -1.85
N ARG A 6 11.88 -10.42 -0.72
CA ARG A 6 10.81 -10.13 0.21
C ARG A 6 11.25 -9.25 1.34
N VAL A 7 10.48 -8.19 1.58
CA VAL A 7 10.79 -7.27 2.63
C VAL A 7 9.68 -7.24 3.65
N LEU A 8 10.01 -7.50 4.91
CA LEU A 8 9.01 -7.42 5.99
C LEU A 8 9.18 -6.00 6.53
N SER A 9 8.14 -5.20 6.39
CA SER A 9 8.20 -3.82 6.83
C SER A 9 7.21 -3.51 7.95
N ILE A 10 7.72 -3.44 9.18
CA ILE A 10 6.91 -3.17 10.36
C ILE A 10 6.98 -1.69 10.72
N GLN A 11 6.10 -0.88 10.12
CA GLN A 11 6.06 0.56 10.34
C GLN A 11 4.63 1.08 10.45
N SER A 12 4.52 2.36 10.77
CA SER A 12 3.23 3.01 10.94
C SER A 12 2.42 3.12 9.68
N HIS A 13 1.11 3.26 9.85
CA HIS A 13 0.20 3.42 8.74
C HIS A 13 -0.79 4.53 9.04
N VAL A 14 -0.99 5.41 8.06
CA VAL A 14 -1.94 6.49 8.18
C VAL A 14 -2.91 6.33 7.04
N ILE A 15 -4.16 6.69 7.29
CA ILE A 15 -5.18 6.60 6.25
C ILE A 15 -4.83 7.60 5.16
N ARG A 16 -4.70 8.85 5.57
CA ARG A 16 -4.39 9.95 4.67
C ARG A 16 -2.93 10.38 4.82
N GLY A 17 -2.22 10.53 3.71
CA GLY A 17 -0.83 10.96 3.80
C GLY A 17 0.20 9.88 3.57
N TYR A 18 1.48 10.25 3.65
CA TYR A 18 2.55 9.29 3.45
C TYR A 18 3.69 9.34 4.47
N VAL A 19 3.68 8.40 5.39
CA VAL A 19 4.71 8.27 6.43
C VAL A 19 4.77 6.78 6.78
N GLY A 20 5.75 6.37 7.57
CA GLY A 20 5.85 4.96 7.93
C GLY A 20 5.76 4.05 6.69
N ASN A 21 4.84 3.08 6.74
CA ASN A 21 4.65 2.14 5.64
C ASN A 21 4.04 2.73 4.39
N ARG A 22 3.43 3.90 4.50
CA ARG A 22 2.82 4.55 3.36
C ARG A 22 3.93 5.17 2.51
N ALA A 23 4.98 5.66 3.16
CA ALA A 23 6.10 6.23 2.43
C ALA A 23 7.02 5.12 1.92
N ALA A 24 7.11 4.04 2.68
CA ALA A 24 7.96 2.91 2.36
C ALA A 24 7.43 1.87 1.38
N THR A 25 6.13 1.60 1.40
CA THR A 25 5.55 0.58 0.54
C THR A 25 5.49 0.86 -0.96
N PHE A 26 4.68 1.83 -1.36
CA PHE A 26 4.58 2.14 -2.78
C PHE A 26 5.92 2.17 -3.53
N PRO A 27 6.91 2.91 -3.01
CA PRO A 27 8.24 3.04 -3.59
C PRO A 27 8.93 1.70 -3.80
N LEU A 28 8.81 0.84 -2.79
CA LEU A 28 9.41 -0.48 -2.83
C LEU A 28 8.68 -1.43 -3.79
N GLN A 29 7.38 -1.22 -3.97
CA GLN A 29 6.61 -2.06 -4.87
C GLN A 29 6.93 -1.68 -6.30
N VAL A 30 7.01 -0.37 -6.56
CA VAL A 30 7.32 0.16 -7.87
C VAL A 30 8.68 -0.35 -8.34
N LEU A 31 9.57 -0.62 -7.40
CA LEU A 31 10.91 -1.10 -7.72
C LEU A 31 11.07 -2.61 -7.81
N GLY A 32 9.95 -3.33 -7.68
CA GLY A 32 9.98 -4.77 -7.80
C GLY A 32 10.16 -5.59 -6.54
N PHE A 33 10.00 -4.98 -5.38
CA PHE A 33 10.14 -5.69 -4.11
C PHE A 33 8.84 -6.24 -3.54
N GLU A 34 8.85 -7.52 -3.18
CA GLU A 34 7.69 -8.16 -2.56
C GLU A 34 7.64 -7.76 -1.09
N ILE A 35 7.23 -6.52 -0.82
CA ILE A 35 7.18 -6.03 0.55
C ILE A 35 5.85 -6.27 1.25
N ASP A 36 5.92 -6.78 2.47
CA ASP A 36 4.76 -7.05 3.31
C ASP A 36 4.72 -5.98 4.42
N ALA A 37 3.58 -5.32 4.59
CA ALA A 37 3.48 -4.25 5.58
C ALA A 37 2.69 -4.55 6.86
N VAL A 38 3.40 -4.60 7.97
CA VAL A 38 2.77 -4.85 9.27
C VAL A 38 2.57 -3.44 9.80
N ASN A 39 1.33 -3.02 9.97
CA ASN A 39 1.06 -1.68 10.44
C ASN A 39 1.09 -1.62 11.95
N SER A 40 2.14 -1.04 12.50
CA SER A 40 2.30 -0.92 13.93
C SER A 40 1.26 0.00 14.54
N VAL A 41 0.59 0.77 13.68
CA VAL A 41 -0.49 1.67 14.09
C VAL A 41 -1.28 2.06 12.86
N GLN A 42 -2.53 2.45 13.07
CA GLN A 42 -3.37 2.92 11.98
C GLN A 42 -4.01 4.19 12.46
N PHE A 43 -3.54 5.32 11.94
CA PHE A 43 -4.05 6.62 12.30
C PHE A 43 -4.64 7.33 11.09
N SER A 44 -5.52 8.29 11.34
CA SER A 44 -6.15 9.05 10.27
C SER A 44 -5.12 9.90 9.52
N ASN A 45 -4.02 10.21 10.20
CA ASN A 45 -2.95 11.03 9.62
C ASN A 45 -1.83 11.15 10.65
N HIS A 46 -0.69 11.75 10.26
CA HIS A 46 0.41 11.88 11.20
C HIS A 46 0.19 12.97 12.26
N THR A 47 0.89 12.84 13.38
CA THR A 47 0.74 13.76 14.51
C THR A 47 1.25 15.17 14.21
N GLY A 48 1.57 15.43 12.95
CA GLY A 48 2.02 16.76 12.59
C GLY A 48 0.83 17.68 12.35
N TYR A 49 -0.37 17.12 12.42
CA TYR A 49 -1.59 17.89 12.22
C TYR A 49 -2.18 18.34 13.56
N ALA A 50 -3.13 19.25 13.49
CA ALA A 50 -3.78 19.75 14.68
C ALA A 50 -4.44 18.58 15.39
N HIS A 51 -5.12 17.74 14.61
CA HIS A 51 -5.83 16.58 15.13
C HIS A 51 -5.34 15.26 14.56
N TRP A 52 -5.71 14.18 15.20
CA TRP A 52 -5.36 12.84 14.74
C TRP A 52 -6.02 11.82 15.64
N LYS A 53 -6.44 10.70 15.05
CA LYS A 53 -7.10 9.63 15.80
C LYS A 53 -6.63 8.31 15.20
N GLY A 54 -6.70 7.24 15.98
CA GLY A 54 -6.27 5.95 15.49
C GLY A 54 -6.04 4.98 16.63
N GLN A 55 -5.79 3.72 16.30
CA GLN A 55 -5.54 2.71 17.32
C GLN A 55 -4.10 2.26 17.17
N VAL A 56 -3.64 1.39 18.08
CA VAL A 56 -2.27 0.91 18.03
C VAL A 56 -2.20 -0.62 18.09
N LEU A 57 -1.12 -1.19 17.56
CA LEU A 57 -0.93 -2.64 17.55
C LEU A 57 0.00 -3.02 18.71
N ASN A 58 -0.44 -3.91 19.59
CA ASN A 58 0.40 -4.31 20.72
C ASN A 58 1.23 -5.58 20.48
N SER A 59 2.22 -5.78 21.32
CA SER A 59 3.12 -6.93 21.24
C SER A 59 2.38 -8.23 21.00
N ASP A 60 1.36 -8.47 21.81
CA ASP A 60 0.56 -9.69 21.70
C ASP A 60 0.05 -9.91 20.28
N GLU A 61 -0.33 -8.82 19.64
CA GLU A 61 -0.88 -8.85 18.29
C GLU A 61 0.18 -9.04 17.21
N LEU A 62 1.31 -8.39 17.38
CA LEU A 62 2.40 -8.53 16.43
C LEU A 62 2.83 -9.98 16.43
N GLN A 63 2.87 -10.56 17.63
CA GLN A 63 3.26 -11.95 17.79
C GLN A 63 2.19 -12.83 17.16
N GLU A 64 0.94 -12.48 17.41
CA GLU A 64 -0.19 -13.21 16.87
C GLU A 64 -0.06 -13.23 15.34
N LEU A 65 0.26 -12.07 14.76
CA LEU A 65 0.42 -11.94 13.33
C LEU A 65 1.63 -12.71 12.79
N TYR A 66 2.78 -12.59 13.46
CA TYR A 66 3.97 -13.29 13.02
C TYR A 66 3.70 -14.80 13.08
N GLU A 67 2.97 -15.22 14.11
CA GLU A 67 2.63 -16.63 14.30
C GLU A 67 1.91 -17.19 13.09
N GLY A 68 0.93 -16.44 12.58
CA GLY A 68 0.19 -16.88 11.42
C GLY A 68 1.13 -17.09 10.25
N LEU A 69 2.10 -16.19 10.10
CA LEU A 69 3.07 -16.31 9.04
C LEU A 69 3.92 -17.56 9.22
N ARG A 70 4.32 -17.81 10.47
CA ARG A 70 5.13 -18.98 10.78
C ARG A 70 4.39 -20.28 10.49
N LEU A 71 3.16 -20.38 10.99
CA LEU A 71 2.35 -21.57 10.77
C LEU A 71 2.28 -21.92 9.28
N ASN A 72 2.20 -20.88 8.45
CA ASN A 72 2.12 -21.07 7.01
C ASN A 72 3.49 -21.23 6.35
N ASN A 73 4.53 -21.19 7.16
CA ASN A 73 5.89 -21.36 6.68
C ASN A 73 6.28 -20.20 5.75
N MET A 74 5.77 -19.02 6.06
CA MET A 74 6.05 -17.83 5.26
C MET A 74 6.94 -16.88 6.04
N ASN A 75 7.74 -17.42 6.96
CA ASN A 75 8.63 -16.56 7.73
C ASN A 75 10.06 -16.58 7.19
N LYS A 76 10.18 -16.43 5.88
CA LYS A 76 11.47 -16.41 5.20
C LYS A 76 11.57 -15.13 4.40
N TYR A 77 12.39 -14.20 4.86
CA TYR A 77 12.57 -12.92 4.18
C TYR A 77 14.02 -12.61 3.83
N ASP A 78 14.19 -11.55 3.04
CA ASP A 78 15.49 -11.12 2.60
C ASP A 78 15.86 -9.81 3.30
N TYR A 79 14.84 -9.07 3.71
CA TYR A 79 15.04 -7.81 4.40
C TYR A 79 13.94 -7.54 5.43
N VAL A 80 14.31 -6.90 6.52
CA VAL A 80 13.34 -6.51 7.53
C VAL A 80 13.58 -5.01 7.65
N LEU A 81 12.50 -4.25 7.64
CA LEU A 81 12.59 -2.79 7.71
C LEU A 81 11.74 -2.28 8.86
N THR A 82 12.33 -1.46 9.73
CA THR A 82 11.58 -0.91 10.87
C THR A 82 11.88 0.56 11.09
N GLY A 83 10.92 1.26 11.68
CA GLY A 83 11.09 2.68 11.94
C GLY A 83 10.55 3.10 13.29
N TYR A 84 9.84 4.23 13.32
CA TYR A 84 9.30 4.77 14.56
C TYR A 84 8.45 3.82 15.41
N THR A 85 8.79 3.79 16.69
CA THR A 85 8.09 2.98 17.69
C THR A 85 8.11 3.75 19.00
N ARG A 86 7.00 3.70 19.71
CA ARG A 86 6.86 4.42 20.97
C ARG A 86 6.88 3.46 22.15
N ASP A 87 6.41 2.24 21.90
CA ASP A 87 6.33 1.22 22.93
C ASP A 87 7.61 0.39 23.11
N LYS A 88 8.04 0.27 24.35
CA LYS A 88 9.23 -0.49 24.71
C LYS A 88 9.00 -1.99 24.48
N SER A 89 7.88 -2.51 24.97
CA SER A 89 7.58 -3.92 24.79
C SER A 89 7.35 -4.28 23.32
N PHE A 90 6.77 -3.33 22.58
CA PHE A 90 6.52 -3.55 21.16
C PHE A 90 7.85 -3.77 20.44
N LEU A 91 8.81 -2.90 20.72
CA LEU A 91 10.13 -2.99 20.10
C LEU A 91 10.87 -4.28 20.49
N ALA A 92 10.72 -4.70 21.75
CA ALA A 92 11.36 -5.93 22.20
C ALA A 92 10.87 -7.09 21.31
N MET A 93 9.55 -7.14 21.13
CA MET A 93 8.88 -8.15 20.30
C MET A 93 9.41 -8.11 18.86
N VAL A 94 9.69 -6.89 18.38
CA VAL A 94 10.22 -6.71 17.03
C VAL A 94 11.59 -7.40 16.96
N VAL A 95 12.40 -7.14 17.99
CA VAL A 95 13.72 -7.72 18.08
C VAL A 95 13.67 -9.25 18.06
N ASP A 96 12.75 -9.82 18.84
CA ASP A 96 12.62 -11.27 18.89
C ASP A 96 12.27 -11.82 17.52
N ILE A 97 11.45 -11.08 16.78
CA ILE A 97 11.05 -11.50 15.45
C ILE A 97 12.26 -11.51 14.50
N VAL A 98 13.01 -10.42 14.46
CA VAL A 98 14.18 -10.32 13.59
C VAL A 98 15.17 -11.46 13.88
N GLN A 99 15.36 -11.78 15.17
CA GLN A 99 16.28 -12.84 15.56
C GLN A 99 15.89 -14.16 14.91
N GLU A 100 14.61 -14.48 15.00
CA GLU A 100 14.12 -15.70 14.41
C GLU A 100 14.15 -15.63 12.88
N LEU A 101 13.91 -14.44 12.33
CA LEU A 101 13.95 -14.31 10.88
C LEU A 101 15.38 -14.52 10.38
N LYS A 102 16.37 -14.12 11.18
CA LYS A 102 17.76 -14.30 10.82
C LYS A 102 18.16 -15.75 11.07
N GLN A 103 17.45 -16.38 12.01
CA GLN A 103 17.69 -17.79 12.33
C GLN A 103 17.16 -18.64 11.17
N GLN A 104 16.07 -18.18 10.55
CA GLN A 104 15.48 -18.88 9.42
C GLN A 104 16.36 -18.66 8.18
N ASN A 105 16.73 -17.41 7.94
CA ASN A 105 17.60 -17.07 6.82
C ASN A 105 18.78 -16.28 7.33
N PRO A 106 19.96 -16.90 7.37
CA PRO A 106 21.22 -16.29 7.85
C PRO A 106 21.69 -15.07 7.07
N ARG A 107 21.20 -14.90 5.84
CA ARG A 107 21.61 -13.79 4.99
C ARG A 107 20.68 -12.57 5.09
N LEU A 108 19.57 -12.71 5.80
CA LEU A 108 18.62 -11.62 5.95
C LEU A 108 19.29 -10.30 6.39
N VAL A 109 18.83 -9.20 5.80
CA VAL A 109 19.36 -7.87 6.11
C VAL A 109 18.35 -7.06 6.91
N TYR A 110 18.76 -6.61 8.09
CA TYR A 110 17.87 -5.82 8.93
C TYR A 110 18.18 -4.34 8.80
N VAL A 111 17.32 -3.64 8.07
CA VAL A 111 17.47 -2.19 7.84
C VAL A 111 16.67 -1.41 8.89
N CYS A 112 17.38 -1.01 9.93
CA CYS A 112 16.81 -0.27 11.06
C CYS A 112 16.96 1.24 10.99
N ASP A 113 15.84 1.95 11.03
CA ASP A 113 15.88 3.42 11.08
C ASP A 113 15.55 3.64 12.55
N PRO A 114 16.57 3.94 13.37
CA PRO A 114 16.44 4.18 14.81
C PRO A 114 15.80 5.51 15.17
N VAL A 115 14.50 5.64 14.99
CA VAL A 115 13.84 6.90 15.29
C VAL A 115 13.79 7.19 16.80
N LEU A 116 14.47 8.25 17.21
CA LEU A 116 14.52 8.65 18.62
C LEU A 116 14.19 10.13 18.81
N GLY A 117 14.52 10.92 17.80
CA GLY A 117 14.25 12.35 17.87
C GLY A 117 15.06 13.10 16.83
N ASP A 118 14.92 14.42 16.82
CA ASP A 118 15.64 15.24 15.86
C ASP A 118 16.09 16.55 16.49
N LYS A 119 16.77 17.39 15.72
CA LYS A 119 17.24 18.67 16.21
C LYS A 119 16.58 19.85 15.48
N TRP A 120 16.43 20.96 16.19
CA TRP A 120 15.82 22.16 15.63
C TRP A 120 16.68 23.35 16.01
N ASP A 121 17.34 23.89 15.00
CA ASP A 121 18.26 24.98 15.18
C ASP A 121 19.45 24.41 15.90
N GLY A 122 19.68 24.84 17.13
CA GLY A 122 20.83 24.35 17.87
C GLY A 122 20.92 22.88 18.22
N GLU A 123 19.96 22.37 19.02
CA GLU A 123 19.97 20.96 19.35
C GLU A 123 18.57 20.41 19.44
N GLY A 124 18.46 19.14 19.71
CA GLY A 124 17.13 18.59 19.71
C GLY A 124 16.51 18.06 20.95
N SER A 125 15.41 17.37 20.71
CA SER A 125 14.64 16.74 21.75
C SER A 125 14.12 15.41 21.22
N MET A 126 14.02 14.44 22.11
CA MET A 126 13.54 13.12 21.73
C MET A 126 12.04 13.08 21.69
N TYR A 127 11.47 12.48 20.66
CA TYR A 127 10.03 12.37 20.61
C TYR A 127 9.68 10.90 20.67
N VAL A 128 10.24 10.25 21.69
CA VAL A 128 10.04 8.83 21.97
C VAL A 128 10.48 8.59 23.41
N PRO A 129 9.76 7.73 24.14
CA PRO A 129 10.13 7.46 25.54
C PRO A 129 11.62 7.19 25.68
N GLU A 130 12.21 7.74 26.74
CA GLU A 130 13.64 7.56 26.97
C GLU A 130 14.02 6.13 27.27
N ASP A 131 13.14 5.41 27.95
CA ASP A 131 13.42 4.02 28.31
C ASP A 131 13.65 3.16 27.07
N LEU A 132 13.48 3.76 25.90
CA LEU A 132 13.63 3.04 24.62
C LEU A 132 15.07 3.11 24.12
N LEU A 133 15.78 4.14 24.52
CA LEU A 133 17.17 4.33 24.11
C LEU A 133 18.03 3.11 24.48
N PRO A 134 17.93 2.63 25.73
CA PRO A 134 18.72 1.45 26.13
C PRO A 134 18.46 0.28 25.18
N VAL A 135 17.19 -0.05 25.01
CA VAL A 135 16.79 -1.15 24.14
C VAL A 135 17.45 -1.06 22.76
N TYR A 136 17.51 0.15 22.21
CA TYR A 136 18.11 0.35 20.90
C TYR A 136 19.62 0.05 20.89
N LYS A 137 20.35 0.67 21.82
CA LYS A 137 21.79 0.47 21.91
C LYS A 137 22.16 -0.98 22.16
N GLU A 138 21.48 -1.61 23.11
CA GLU A 138 21.79 -2.98 23.47
C GLU A 138 21.20 -4.06 22.58
N LYS A 139 19.91 -3.97 22.29
CA LYS A 139 19.27 -5.01 21.50
C LYS A 139 18.94 -4.76 20.03
N VAL A 140 18.65 -3.52 19.65
CA VAL A 140 18.30 -3.27 18.26
C VAL A 140 19.48 -3.08 17.30
N VAL A 141 20.30 -2.05 17.55
CA VAL A 141 21.45 -1.79 16.68
C VAL A 141 22.38 -2.97 16.42
N PRO A 142 22.67 -3.80 17.44
CA PRO A 142 23.56 -4.95 17.26
C PRO A 142 23.04 -5.94 16.20
N LEU A 143 21.72 -6.05 16.12
CA LEU A 143 21.06 -6.94 15.16
C LEU A 143 20.97 -6.33 13.76
N ALA A 144 20.92 -5.01 13.70
CA ALA A 144 20.81 -4.27 12.45
C ALA A 144 22.03 -4.37 11.54
N ASP A 145 21.78 -4.46 10.24
CA ASP A 145 22.87 -4.53 9.27
C ASP A 145 23.05 -3.21 8.56
N ILE A 146 22.03 -2.36 8.65
CA ILE A 146 22.03 -1.02 8.04
C ILE A 146 21.23 -0.06 8.92
N ILE A 147 21.86 1.03 9.35
CA ILE A 147 21.16 2.00 10.18
C ILE A 147 21.21 3.35 9.49
N THR A 148 20.11 4.09 9.60
CA THR A 148 20.01 5.40 8.97
C THR A 148 19.56 6.45 9.98
N PRO A 149 20.43 6.84 10.90
CA PRO A 149 19.99 7.85 11.88
C PRO A 149 20.40 9.25 11.47
N ASN A 150 19.69 10.25 11.98
CA ASN A 150 20.06 11.63 11.71
C ASN A 150 21.17 11.92 12.72
N GLN A 151 21.77 13.10 12.66
CA GLN A 151 22.83 13.45 13.58
C GLN A 151 22.48 13.18 15.05
N PHE A 152 21.37 13.76 15.50
CA PHE A 152 20.93 13.60 16.88
C PHE A 152 20.77 12.15 17.35
N GLU A 153 20.37 11.27 16.43
CA GLU A 153 20.18 9.86 16.79
C GLU A 153 21.52 9.14 16.81
N ALA A 154 22.45 9.60 15.98
CA ALA A 154 23.77 8.99 15.94
C ALA A 154 24.52 9.44 17.19
N GLU A 155 24.10 10.56 17.77
CA GLU A 155 24.73 11.07 18.98
C GLU A 155 24.22 10.32 20.19
N LEU A 156 22.92 10.06 20.22
CA LEU A 156 22.30 9.35 21.33
C LEU A 156 22.73 7.89 21.41
N LEU A 157 22.93 7.27 20.26
CA LEU A 157 23.33 5.88 20.22
C LEU A 157 24.78 5.65 20.61
N SER A 158 25.60 6.72 20.52
CA SER A 158 27.01 6.59 20.83
C SER A 158 27.47 7.37 22.05
N GLY A 159 26.68 8.36 22.45
CA GLY A 159 27.06 9.16 23.61
C GLY A 159 28.03 10.26 23.23
N ARG A 160 28.54 10.23 22.01
CA ARG A 160 29.49 11.23 21.53
C ARG A 160 28.83 12.31 20.69
N LYS A 161 29.01 13.56 21.09
CA LYS A 161 28.43 14.68 20.36
C LYS A 161 29.24 14.95 19.11
N ILE A 162 28.55 15.30 18.03
CA ILE A 162 29.21 15.56 16.74
C ILE A 162 29.26 17.04 16.39
N HIS A 163 30.46 17.53 16.09
CA HIS A 163 30.66 18.94 15.72
C HIS A 163 31.20 19.06 14.31
N SER A 164 31.94 18.05 13.86
CA SER A 164 32.52 18.09 12.53
C SER A 164 32.39 16.80 11.72
N GLN A 165 32.79 16.87 10.46
CA GLN A 165 32.74 15.70 9.59
C GLN A 165 33.58 14.56 10.13
N GLU A 166 34.66 14.89 10.86
CA GLU A 166 35.52 13.86 11.41
C GLU A 166 34.97 13.23 12.68
N GLU A 167 34.28 13.99 13.52
CA GLU A 167 33.71 13.40 14.72
C GLU A 167 32.52 12.54 14.33
N ALA A 168 31.91 12.89 13.20
CA ALA A 168 30.77 12.13 12.70
C ALA A 168 31.26 10.77 12.21
N LEU A 169 32.39 10.75 11.52
CA LEU A 169 32.95 9.49 11.05
C LEU A 169 33.42 8.66 12.23
N ARG A 170 33.85 9.34 13.28
CA ARG A 170 34.31 8.67 14.49
C ARG A 170 33.09 7.98 15.11
N VAL A 171 32.00 8.74 15.23
CA VAL A 171 30.77 8.21 15.81
C VAL A 171 30.19 7.11 14.95
N MET A 172 30.33 7.26 13.63
CA MET A 172 29.83 6.24 12.74
C MET A 172 30.67 4.98 12.96
N ASP A 173 31.96 5.19 13.17
CA ASP A 173 32.88 4.09 13.41
C ASP A 173 32.51 3.34 14.69
N MET A 174 32.02 4.08 15.67
CA MET A 174 31.59 3.47 16.93
C MET A 174 30.39 2.57 16.66
N LEU A 175 29.39 3.12 15.97
CA LEU A 175 28.20 2.36 15.64
C LEU A 175 28.57 1.05 14.92
N HIS A 176 29.45 1.15 13.92
CA HIS A 176 29.92 -0.03 13.18
C HIS A 176 30.36 -1.15 14.13
N SER A 177 31.08 -0.78 15.18
CA SER A 177 31.57 -1.75 16.15
C SER A 177 30.41 -2.32 16.95
N MET A 178 29.25 -1.68 16.84
CA MET A 178 28.07 -2.16 17.55
C MET A 178 27.41 -3.24 16.70
N GLY A 179 27.80 -3.32 15.44
CA GLY A 179 27.23 -4.34 14.57
C GLY A 179 26.96 -3.93 13.14
N PRO A 180 26.22 -2.83 12.92
CA PRO A 180 25.89 -2.35 11.58
C PRO A 180 27.06 -2.28 10.63
N ASP A 181 26.93 -2.91 9.46
CA ASP A 181 27.99 -2.87 8.46
C ASP A 181 27.81 -1.63 7.57
N THR A 182 26.64 -1.00 7.65
CA THR A 182 26.34 0.20 6.87
C THR A 182 25.64 1.23 7.77
N VAL A 183 26.31 2.36 7.95
CA VAL A 183 25.75 3.42 8.76
C VAL A 183 25.65 4.66 7.90
N VAL A 184 24.46 5.24 7.82
CA VAL A 184 24.26 6.45 7.04
C VAL A 184 23.59 7.52 7.87
N ILE A 185 24.27 8.64 8.06
CA ILE A 185 23.67 9.74 8.79
C ILE A 185 22.85 10.49 7.74
N THR A 186 21.53 10.41 7.85
CA THR A 186 20.60 11.01 6.90
C THR A 186 20.46 12.53 6.88
N SER A 187 20.98 13.20 7.90
CA SER A 187 20.93 14.65 7.93
C SER A 187 21.74 15.17 9.11
N SER A 188 22.38 16.32 8.93
CA SER A 188 23.21 16.89 9.98
C SER A 188 23.33 18.41 9.92
N ASP A 189 23.77 18.99 11.04
CA ASP A 189 23.98 20.44 11.17
C ASP A 189 25.29 20.86 10.55
N LEU A 190 26.11 19.89 10.15
CA LEU A 190 27.41 20.19 9.58
C LEU A 190 27.30 21.19 8.42
N PRO A 191 28.27 22.10 8.33
CA PRO A 191 28.31 23.13 7.29
C PRO A 191 28.84 22.62 5.96
N SER A 192 28.43 23.29 4.88
CA SER A 192 28.86 22.94 3.53
C SER A 192 29.51 24.14 2.85
N PRO A 193 30.49 23.88 1.97
CA PRO A 193 31.17 24.96 1.24
C PRO A 193 30.22 25.58 0.20
N GLN A 194 29.08 24.93 -0.02
CA GLN A 194 28.08 25.37 -0.98
C GLN A 194 27.30 26.57 -0.47
N GLY A 195 27.19 26.67 0.85
CA GLY A 195 26.44 27.77 1.43
C GLY A 195 25.68 27.32 2.66
N SER A 196 24.89 28.21 3.23
CA SER A 196 24.12 27.90 4.43
C SER A 196 22.86 27.07 4.15
N ASN A 197 22.44 27.07 2.89
CA ASN A 197 21.23 26.34 2.49
C ASN A 197 21.52 24.90 2.07
N TYR A 198 22.37 24.21 2.82
CA TYR A 198 22.72 22.83 2.51
C TYR A 198 22.88 21.96 3.75
N LEU A 199 22.06 20.91 3.87
CA LEU A 199 22.18 19.99 4.99
C LEU A 199 23.17 18.92 4.51
N ILE A 200 23.82 18.23 5.44
CA ILE A 200 24.82 17.23 5.03
C ILE A 200 24.56 15.78 5.38
N VAL A 201 24.68 14.93 4.37
CA VAL A 201 24.50 13.49 4.52
C VAL A 201 25.86 12.83 4.51
N LEU A 202 26.07 11.87 5.41
CA LEU A 202 27.33 11.14 5.48
C LEU A 202 27.04 9.64 5.51
N GLY A 203 27.84 8.87 4.80
CA GLY A 203 27.64 7.44 4.77
C GLY A 203 28.92 6.68 5.05
N SER A 204 28.80 5.45 5.56
CA SER A 204 29.96 4.64 5.87
C SER A 204 29.59 3.16 5.75
N GLN A 205 30.32 2.41 4.94
CA GLN A 205 30.04 1.00 4.73
C GLN A 205 31.28 0.13 4.88
N ARG A 206 31.16 -0.96 5.63
CA ARG A 206 32.27 -1.90 5.88
C ARG A 206 32.07 -3.23 5.15
N ARG A 207 32.98 -3.57 4.25
CA ARG A 207 32.89 -4.81 3.51
C ARG A 207 34.26 -5.42 3.21
N ARG A 208 34.26 -6.65 2.71
CA ARG A 208 35.50 -7.35 2.39
C ARG A 208 35.63 -7.62 0.89
N ASN A 209 36.85 -7.50 0.39
CA ASN A 209 37.17 -7.72 -1.02
C ASN A 209 38.67 -7.95 -1.13
N PRO A 210 39.43 -6.98 -0.95
N SER A 213 39.11 -9.60 2.32
CA SER A 213 39.90 -8.37 2.64
C SER A 213 39.01 -7.18 3.01
N VAL A 214 38.86 -6.94 4.31
CA VAL A 214 38.02 -5.85 4.84
C VAL A 214 38.44 -4.44 4.42
N VAL A 215 37.53 -3.74 3.75
CA VAL A 215 37.77 -2.37 3.28
C VAL A 215 36.57 -1.43 3.49
N MET A 216 36.84 -0.18 3.85
CA MET A 216 35.79 0.81 4.09
C MET A 216 35.50 1.67 2.88
N GLU A 217 34.33 2.30 2.88
CA GLU A 217 33.93 3.23 1.83
C GLU A 217 33.10 4.30 2.51
N ARG A 218 33.64 5.50 2.56
CA ARG A 218 32.93 6.60 3.19
C ARG A 218 32.60 7.60 2.11
N ILE A 219 31.40 8.15 2.18
CA ILE A 219 30.94 9.12 1.20
C ILE A 219 30.30 10.31 1.88
N ARG A 220 30.27 11.43 1.17
CA ARG A 220 29.69 12.67 1.69
C ARG A 220 28.78 13.27 0.63
N MET A 221 27.77 13.99 1.09
CA MET A 221 26.81 14.62 0.19
C MET A 221 26.26 15.91 0.73
N ASP A 222 26.29 16.94 -0.12
CA ASP A 222 25.78 18.24 0.25
C ASP A 222 24.49 18.47 -0.50
N ILE A 223 23.38 18.31 0.20
CA ILE A 223 22.04 18.46 -0.35
C ILE A 223 21.43 19.82 -0.01
N ARG A 224 20.82 20.46 -1.00
CA ARG A 224 20.19 21.76 -0.80
C ARG A 224 18.93 21.67 0.05
N LYS A 225 18.78 22.57 1.03
CA LYS A 225 17.60 22.59 1.89
C LYS A 225 16.35 23.14 1.18
N VAL A 226 15.19 22.68 1.62
CA VAL A 226 13.92 23.14 1.09
C VAL A 226 13.26 23.80 2.27
N ASP A 227 12.70 24.95 2.01
CA ASP A 227 12.11 25.75 3.05
C ASP A 227 10.84 25.24 3.66
N ALA A 228 10.86 24.04 4.22
CA ALA A 228 9.65 23.52 4.83
C ALA A 228 9.95 22.26 5.60
N VAL A 229 9.03 21.88 6.48
CA VAL A 229 9.17 20.68 7.27
C VAL A 229 8.40 19.54 6.61
N PHE A 230 9.09 18.43 6.38
CA PHE A 230 8.49 17.27 5.75
C PHE A 230 8.41 16.09 6.72
N VAL A 231 7.42 15.24 6.51
CA VAL A 231 7.25 14.06 7.33
C VAL A 231 7.31 12.87 6.38
N GLY A 232 7.82 11.75 6.86
CA GLY A 232 7.90 10.55 6.05
C GLY A 232 9.13 10.47 5.18
N THR A 233 9.92 11.53 5.16
CA THR A 233 11.15 11.57 4.36
C THR A 233 12.26 10.63 4.82
N GLY A 234 12.41 10.46 6.13
CA GLY A 234 13.44 9.56 6.65
C GLY A 234 13.09 8.11 6.33
N ALA A 235 11.80 7.78 6.42
CA ALA A 235 11.31 6.43 6.14
C ALA A 235 11.55 6.11 4.65
N LEU A 236 11.27 7.09 3.81
CA LEU A 236 11.45 6.95 2.37
C LEU A 236 12.95 6.78 2.09
N PHE A 237 13.77 7.45 2.88
CA PHE A 237 15.22 7.37 2.72
C PHE A 237 15.67 5.93 3.03
N ALA A 238 15.35 5.46 4.23
CA ALA A 238 15.70 4.10 4.65
C ALA A 238 15.21 3.08 3.65
N ALA A 239 13.96 3.28 3.20
CA ALA A 239 13.33 2.40 2.23
C ALA A 239 14.07 2.38 0.87
N MET A 240 14.41 3.56 0.36
CA MET A 240 15.10 3.62 -0.91
C MET A 240 16.57 3.22 -0.79
N LEU A 241 17.12 3.39 0.41
CA LEU A 241 18.52 3.00 0.63
C LEU A 241 18.59 1.49 0.51
N LEU A 242 17.62 0.83 1.14
CA LEU A 242 17.50 -0.62 1.11
C LEU A 242 17.48 -1.04 -0.37
N ALA A 243 16.57 -0.46 -1.13
CA ALA A 243 16.45 -0.80 -2.53
C ALA A 243 17.70 -0.67 -3.40
N TRP A 244 18.33 0.50 -3.38
CA TRP A 244 19.51 0.72 -4.22
C TRP A 244 20.78 0.08 -3.71
N THR A 245 20.76 -0.30 -2.43
CA THR A 245 21.93 -0.93 -1.87
C THR A 245 21.84 -2.38 -2.34
N HIS A 246 20.60 -2.85 -2.47
CA HIS A 246 20.36 -4.22 -2.93
C HIS A 246 20.73 -4.34 -4.40
N LYS A 247 20.41 -3.31 -5.18
CA LYS A 247 20.70 -3.30 -6.61
C LYS A 247 22.15 -2.97 -6.95
N HIS A 248 22.83 -2.30 -6.02
CA HIS A 248 24.23 -1.92 -6.22
C HIS A 248 24.96 -2.24 -4.93
N PRO A 249 25.34 -3.51 -4.71
CA PRO A 249 26.06 -3.86 -3.48
C PRO A 249 27.51 -3.46 -3.63
N ASN A 250 28.16 -3.13 -2.51
CA ASN A 250 29.56 -2.73 -2.53
C ASN A 250 29.76 -1.38 -3.24
N ASN A 251 28.69 -0.61 -3.38
CA ASN A 251 28.78 0.69 -4.04
C ASN A 251 27.87 1.68 -3.29
N LEU A 252 28.28 2.04 -2.08
CA LEU A 252 27.50 2.95 -1.24
C LEU A 252 27.32 4.31 -1.92
N LYS A 253 28.35 4.69 -2.68
CA LYS A 253 28.35 5.95 -3.41
C LYS A 253 27.13 6.04 -4.30
N VAL A 254 27.03 5.12 -5.27
CA VAL A 254 25.90 5.11 -6.18
C VAL A 254 24.55 4.94 -5.48
N ALA A 255 24.47 3.98 -4.56
CA ALA A 255 23.24 3.72 -3.83
C ALA A 255 22.73 4.98 -3.13
N CYS A 256 23.64 5.77 -2.58
CA CYS A 256 23.25 7.00 -1.89
C CYS A 256 22.89 8.12 -2.86
N GLU A 257 23.55 8.16 -4.01
CA GLU A 257 23.26 9.20 -4.99
C GLU A 257 21.85 9.01 -5.53
N LYS A 258 21.46 7.77 -5.77
CA LYS A 258 20.11 7.50 -6.27
C LYS A 258 19.06 7.72 -5.19
N THR A 259 19.41 7.42 -3.94
CA THR A 259 18.50 7.60 -2.82
C THR A 259 18.21 9.07 -2.62
N VAL A 260 19.27 9.85 -2.40
CA VAL A 260 19.10 11.29 -2.19
C VAL A 260 18.45 11.95 -3.40
N SER A 261 18.81 11.49 -4.60
CA SER A 261 18.22 12.05 -5.80
C SER A 261 16.72 11.82 -5.82
N THR A 262 16.30 10.59 -5.54
CA THR A 262 14.88 10.30 -5.52
C THR A 262 14.19 11.20 -4.49
N LEU A 263 14.81 11.39 -3.33
CA LEU A 263 14.24 12.25 -2.31
C LEU A 263 14.10 13.67 -2.88
N HIS A 264 15.13 14.07 -3.63
CA HIS A 264 15.17 15.40 -4.23
C HIS A 264 13.94 15.61 -5.10
N HIS A 265 13.83 14.82 -6.16
CA HIS A 265 12.71 14.92 -7.07
C HIS A 265 11.36 14.96 -6.36
N VAL A 266 11.14 14.02 -5.44
CA VAL A 266 9.89 13.95 -4.71
C VAL A 266 9.59 15.22 -3.95
N LEU A 267 10.57 15.74 -3.22
CA LEU A 267 10.36 16.97 -2.44
C LEU A 267 10.19 18.18 -3.36
N GLN A 268 10.92 18.15 -4.47
CA GLN A 268 10.89 19.22 -5.45
C GLN A 268 9.47 19.34 -5.98
N ARG A 269 8.83 18.20 -6.22
CA ARG A 269 7.47 18.18 -6.74
C ARG A 269 6.47 18.52 -5.64
N THR A 270 6.77 18.11 -4.42
CA THR A 270 5.90 18.36 -3.29
C THR A 270 5.84 19.83 -2.96
N ILE A 271 6.99 20.47 -2.87
CA ILE A 271 7.04 21.87 -2.53
C ILE A 271 6.36 22.72 -3.59
N GLN A 272 6.49 22.32 -4.86
CA GLN A 272 5.85 23.07 -5.93
C GLN A 272 4.32 23.01 -5.82
N CYS A 273 3.77 21.80 -5.77
CA CYS A 273 2.33 21.66 -5.63
C CYS A 273 1.87 22.35 -4.34
N ALA A 274 2.70 22.30 -3.31
CA ALA A 274 2.35 22.91 -2.01
C ALA A 274 2.28 24.42 -2.09
N LYS A 275 3.09 25.02 -2.96
CA LYS A 275 3.08 26.48 -3.13
C LYS A 275 1.87 26.92 -3.96
N ALA A 276 1.67 26.27 -5.11
CA ALA A 276 0.56 26.59 -5.99
C ALA A 276 -0.78 26.32 -5.30
N GLN A 277 -0.79 25.34 -4.41
CA GLN A 277 -1.99 24.96 -3.69
C GLN A 277 -2.23 25.93 -2.54
N ALA A 278 -1.14 26.45 -1.97
CA ALA A 278 -1.24 27.40 -0.89
C ALA A 278 -1.14 28.79 -1.51
N GLY A 279 -1.26 29.82 -0.70
CA GLY A 279 -1.17 31.16 -1.24
C GLY A 279 0.29 31.58 -1.41
N GLU A 280 0.62 32.18 -2.55
CA GLU A 280 1.99 32.63 -2.77
C GLU A 280 2.35 33.57 -1.63
N GLY A 281 3.37 33.20 -0.86
CA GLY A 281 3.78 34.00 0.28
C GLY A 281 3.12 33.46 1.53
N VAL A 282 2.53 32.27 1.40
CA VAL A 282 1.86 31.62 2.53
C VAL A 282 2.48 30.26 2.82
N ARG A 283 2.99 30.10 4.03
CA ARG A 283 3.62 28.86 4.47
C ARG A 283 2.65 27.69 4.29
N PRO A 284 3.00 26.71 3.44
CA PRO A 284 2.12 25.56 3.23
C PRO A 284 1.84 24.82 4.54
N SER A 285 0.65 24.23 4.63
CA SER A 285 0.27 23.49 5.83
C SER A 285 0.75 22.05 5.73
N PRO A 286 0.70 21.31 6.85
CA PRO A 286 1.12 19.90 6.84
C PRO A 286 0.43 19.14 5.73
N MET A 287 -0.87 19.41 5.56
CA MET A 287 -1.69 18.75 4.56
C MET A 287 -1.20 18.99 3.12
N GLN A 288 -0.74 20.21 2.85
CA GLN A 288 -0.27 20.59 1.52
C GLN A 288 1.14 20.06 1.25
N LEU A 289 1.86 19.78 2.34
CA LEU A 289 3.23 19.27 2.30
C LEU A 289 3.36 17.75 2.27
N GLU A 290 2.25 17.04 2.22
CA GLU A 290 2.26 15.57 2.16
C GLU A 290 3.01 15.17 0.89
N LEU A 291 3.98 14.27 1.01
CA LEU A 291 4.78 13.85 -0.15
C LEU A 291 3.94 13.48 -1.36
N ARG A 292 4.25 14.07 -2.50
CA ARG A 292 3.54 13.71 -3.71
C ARG A 292 4.20 12.42 -4.16
N MET A 293 3.90 11.34 -3.43
CA MET A 293 4.44 10.01 -3.68
C MET A 293 4.05 9.40 -5.04
N VAL A 294 2.75 9.21 -5.26
CA VAL A 294 2.30 8.60 -6.53
C VAL A 294 2.76 9.37 -7.74
N GLN A 295 2.64 10.70 -7.72
CA GLN A 295 3.06 11.50 -8.86
C GLN A 295 4.55 11.35 -9.17
N SER A 296 5.30 10.75 -8.24
CA SER A 296 6.73 10.58 -8.41
C SER A 296 7.14 9.16 -8.79
N LYS A 297 6.23 8.43 -9.42
CA LYS A 297 6.53 7.06 -9.80
C LYS A 297 7.76 6.90 -10.70
N ARG A 298 7.88 7.75 -11.71
CA ARG A 298 9.01 7.66 -12.66
C ARG A 298 10.33 8.08 -12.04
N ASP A 299 10.28 8.99 -11.08
CA ASP A 299 11.51 9.44 -10.43
C ASP A 299 12.03 8.33 -9.53
N ILE A 300 11.12 7.63 -8.87
CA ILE A 300 11.46 6.52 -7.99
C ILE A 300 12.04 5.34 -8.78
N GLU A 301 11.47 5.09 -9.95
CA GLU A 301 11.90 3.99 -10.81
C GLU A 301 13.33 4.13 -11.27
N ASP A 302 13.65 5.29 -11.81
CA ASP A 302 14.97 5.59 -12.34
C ASP A 302 15.20 7.08 -12.13
N PRO A 303 15.67 7.47 -10.94
CA PRO A 303 15.93 8.87 -10.60
C PRO A 303 17.11 9.52 -11.32
N GLU A 304 16.88 10.68 -11.93
CA GLU A 304 17.93 11.41 -12.63
C GLU A 304 18.92 11.82 -11.53
N ILE A 305 20.17 11.39 -11.63
CA ILE A 305 21.15 11.74 -10.59
C ILE A 305 21.49 13.23 -10.61
N VAL A 306 20.92 13.98 -9.67
CA VAL A 306 21.18 15.40 -9.60
C VAL A 306 22.20 15.71 -8.53
N VAL A 307 22.84 14.67 -7.99
CA VAL A 307 23.84 14.86 -6.94
C VAL A 307 24.95 13.82 -6.98
N GLN A 308 26.19 14.31 -6.91
CA GLN A 308 27.35 13.43 -6.90
C GLN A 308 27.86 13.44 -5.47
N ALA A 309 28.10 12.25 -4.94
CA ALA A 309 28.62 12.10 -3.60
C ALA A 309 30.14 12.11 -3.70
N THR A 310 30.80 12.78 -2.77
CA THR A 310 32.26 12.83 -2.78
C THR A 310 32.81 11.73 -1.87
N VAL A 311 33.80 11.00 -2.35
CA VAL A 311 34.40 9.93 -1.57
C VAL A 311 35.30 10.50 -0.47
N LEU A 312 35.14 10.02 0.76
CA LEU A 312 35.96 10.50 1.86
C LEU A 312 37.10 9.52 2.08
N GLU B 3 -3.67 15.42 -10.20
CA GLU B 3 -5.13 15.74 -10.25
C GLU B 3 -5.47 16.71 -9.12
N GLU B 4 -5.76 16.18 -7.92
CA GLU B 4 -5.62 14.77 -7.64
C GLU B 4 -7.02 14.15 -7.47
N CYS B 5 -7.16 12.88 -7.86
CA CYS B 5 -8.41 12.15 -7.75
C CYS B 5 -8.31 11.30 -6.48
N ARG B 6 -9.07 11.66 -5.44
CA ARG B 6 -8.99 10.95 -4.16
C ARG B 6 -9.96 9.79 -3.93
N VAL B 7 -9.39 8.67 -3.51
CA VAL B 7 -10.17 7.45 -3.27
C VAL B 7 -10.04 6.90 -1.86
N LEU B 8 -11.16 6.72 -1.17
CA LEU B 8 -11.14 6.13 0.18
C LEU B 8 -11.45 4.66 0.01
N SER B 9 -10.50 3.80 0.33
CA SER B 9 -10.72 2.37 0.19
C SER B 9 -10.76 1.68 1.53
N ILE B 10 -11.97 1.29 1.96
CA ILE B 10 -12.12 0.60 3.22
C ILE B 10 -12.28 -0.89 2.94
N GLN B 11 -11.17 -1.62 3.02
CA GLN B 11 -11.19 -3.06 2.77
C GLN B 11 -10.20 -3.75 3.71
N SER B 12 -10.03 -5.05 3.52
CA SER B 12 -9.12 -5.82 4.34
C SER B 12 -7.66 -5.70 3.94
N HIS B 13 -6.79 -5.89 4.93
CA HIS B 13 -5.36 -5.85 4.72
C HIS B 13 -4.72 -7.12 5.25
N VAL B 14 -3.72 -7.63 4.53
CA VAL B 14 -3.01 -8.81 4.95
C VAL B 14 -1.52 -8.52 4.82
N ILE B 15 -0.72 -9.16 5.66
CA ILE B 15 0.72 -8.95 5.63
C ILE B 15 1.26 -9.57 4.35
N ARG B 16 1.13 -10.88 4.24
CA ARG B 16 1.58 -11.58 3.05
C ARG B 16 0.45 -11.67 2.04
N GLY B 17 0.78 -11.55 0.76
CA GLY B 17 -0.23 -11.68 -0.29
C GLY B 17 -1.08 -10.47 -0.67
N TYR B 18 -1.95 -10.68 -1.65
CA TYR B 18 -2.79 -9.61 -2.16
C TYR B 18 -4.28 -9.92 -2.31
N VAL B 19 -5.06 -9.32 -1.41
CA VAL B 19 -6.52 -9.43 -1.42
C VAL B 19 -6.96 -8.12 -0.79
N GLY B 20 -8.25 -7.80 -0.88
CA GLY B 20 -8.73 -6.56 -0.31
C GLY B 20 -7.82 -5.39 -0.61
N ASN B 21 -7.66 -4.47 0.35
CA ASN B 21 -6.80 -3.30 0.18
C ASN B 21 -5.41 -3.56 -0.41
N ARG B 22 -4.86 -4.73 -0.15
CA ARG B 22 -3.55 -5.06 -0.70
C ARG B 22 -3.58 -5.29 -2.21
N ALA B 23 -4.70 -5.76 -2.73
CA ALA B 23 -4.85 -6.03 -4.17
C ALA B 23 -5.32 -4.81 -4.94
N ALA B 24 -5.95 -3.85 -4.25
CA ALA B 24 -6.46 -2.66 -4.91
C ALA B 24 -5.52 -1.44 -4.87
N THR B 25 -4.85 -1.24 -3.74
CA THR B 25 -3.98 -0.08 -3.56
C THR B 25 -2.86 0.11 -4.56
N PHE B 26 -1.95 -0.85 -4.66
CA PHE B 26 -0.84 -0.71 -5.62
C PHE B 26 -1.32 -0.34 -7.03
N PRO B 27 -2.27 -1.10 -7.61
CA PRO B 27 -2.75 -0.80 -8.96
C PRO B 27 -3.22 0.65 -9.14
N LEU B 28 -4.08 1.11 -8.24
CA LEU B 28 -4.59 2.47 -8.32
C LEU B 28 -3.51 3.53 -8.09
N GLN B 29 -2.55 3.22 -7.22
CA GLN B 29 -1.48 4.16 -6.96
C GLN B 29 -0.65 4.26 -8.22
N VAL B 30 -0.45 3.12 -8.87
CA VAL B 30 0.32 3.05 -10.10
C VAL B 30 -0.35 3.88 -11.20
N LEU B 31 -1.67 3.88 -11.21
CA LEU B 31 -2.41 4.64 -12.24
C LEU B 31 -2.62 6.12 -11.86
N GLY B 32 -1.89 6.57 -10.84
CA GLY B 32 -1.98 7.95 -10.43
C GLY B 32 -3.07 8.33 -9.45
N PHE B 33 -3.85 7.38 -8.95
CA PHE B 33 -4.90 7.75 -7.98
C PHE B 33 -4.35 7.91 -6.57
N GLU B 34 -4.77 8.98 -5.91
CA GLU B 34 -4.37 9.23 -4.53
C GLU B 34 -5.33 8.38 -3.71
N ILE B 35 -4.96 7.14 -3.43
CA ILE B 35 -5.82 6.26 -2.66
C ILE B 35 -5.44 6.10 -1.18
N ASP B 36 -6.37 6.48 -0.32
CA ASP B 36 -6.15 6.34 1.12
C ASP B 36 -6.81 5.03 1.53
N ALA B 37 -6.05 4.19 2.22
CA ALA B 37 -6.58 2.89 2.62
C ALA B 37 -6.95 2.80 4.09
N VAL B 38 -8.20 2.43 4.35
CA VAL B 38 -8.69 2.22 5.71
C VAL B 38 -8.74 0.70 5.82
N ASN B 39 -7.80 0.10 6.53
CA ASN B 39 -7.77 -1.35 6.65
C ASN B 39 -8.75 -1.86 7.70
N SER B 40 -9.77 -2.55 7.23
CA SER B 40 -10.83 -3.11 8.06
C SER B 40 -10.40 -4.29 8.92
N VAL B 41 -9.33 -4.94 8.52
CA VAL B 41 -8.80 -6.07 9.28
C VAL B 41 -7.33 -6.21 8.92
N GLN B 42 -6.55 -6.83 9.79
CA GLN B 42 -5.14 -7.06 9.49
C GLN B 42 -4.80 -8.48 9.85
N PHE B 43 -4.71 -9.33 8.83
CA PHE B 43 -4.40 -10.73 9.05
C PHE B 43 -3.05 -11.04 8.43
N SER B 44 -2.49 -12.17 8.83
CA SER B 44 -1.18 -12.62 8.33
C SER B 44 -1.28 -12.95 6.85
N ASN B 45 -2.43 -13.49 6.47
CA ASN B 45 -2.68 -13.85 5.10
C ASN B 45 -4.17 -14.07 4.94
N HIS B 46 -4.58 -14.38 3.72
CA HIS B 46 -5.97 -14.60 3.50
C HIS B 46 -6.43 -15.94 4.02
N THR B 47 -7.70 -16.01 4.24
CA THR B 47 -8.29 -17.19 4.80
C THR B 47 -8.35 -18.39 3.88
N GLY B 48 -7.56 -18.41 2.86
CA GLY B 48 -7.61 -19.57 2.00
C GLY B 48 -6.48 -20.46 2.39
N TYR B 49 -5.54 -19.96 3.20
CA TYR B 49 -4.41 -20.78 3.62
C TYR B 49 -4.81 -21.71 4.76
N ALA B 50 -4.01 -22.75 4.97
CA ALA B 50 -4.26 -23.70 6.03
C ALA B 50 -4.43 -22.93 7.35
N HIS B 51 -3.59 -21.91 7.54
CA HIS B 51 -3.61 -21.10 8.75
C HIS B 51 -3.77 -19.62 8.46
N TRP B 52 -4.20 -18.89 9.48
CA TRP B 52 -4.37 -17.44 9.39
C TRP B 52 -4.75 -16.90 10.77
N LYS B 53 -4.09 -15.81 11.17
CA LYS B 53 -4.32 -15.16 12.46
C LYS B 53 -4.34 -13.67 12.20
N GLY B 54 -5.05 -12.91 13.03
CA GLY B 54 -5.11 -11.48 12.84
C GLY B 54 -6.15 -10.81 13.70
N GLN B 55 -6.23 -9.49 13.60
CA GLN B 55 -7.19 -8.71 14.36
C GLN B 55 -8.12 -8.05 13.36
N VAL B 56 -9.22 -7.47 13.83
CA VAL B 56 -10.15 -6.80 12.94
C VAL B 56 -10.56 -5.45 13.51
N LEU B 57 -10.93 -4.54 12.61
CA LEU B 57 -11.34 -3.21 12.98
C LEU B 57 -12.86 -3.23 13.20
N ASN B 58 -13.35 -2.42 14.15
CA ASN B 58 -14.79 -2.39 14.39
C ASN B 58 -15.39 -1.01 14.25
N SER B 59 -16.72 -0.96 14.22
CA SER B 59 -17.51 0.26 14.09
C SER B 59 -16.93 1.52 14.70
N ASP B 60 -16.64 1.47 16.00
CA ASP B 60 -16.10 2.62 16.73
C ASP B 60 -14.77 3.09 16.19
N GLU B 61 -13.84 2.17 16.04
CA GLU B 61 -12.52 2.49 15.52
C GLU B 61 -12.62 3.10 14.12
N LEU B 62 -13.50 2.54 13.29
CA LEU B 62 -13.69 3.06 11.95
C LEU B 62 -14.24 4.47 12.05
N GLN B 63 -15.10 4.68 13.05
CA GLN B 63 -15.70 5.99 13.28
C GLN B 63 -14.66 6.97 13.78
N GLU B 64 -13.83 6.50 14.71
CA GLU B 64 -12.77 7.34 15.26
C GLU B 64 -11.79 7.73 14.15
N LEU B 65 -11.32 6.74 13.39
CA LEU B 65 -10.39 7.01 12.29
C LEU B 65 -11.02 8.06 11.37
N TYR B 66 -12.33 7.94 11.16
CA TYR B 66 -13.05 8.88 10.31
C TYR B 66 -13.13 10.24 11.00
N GLU B 67 -13.22 10.19 12.33
CA GLU B 67 -13.30 11.40 13.13
C GLU B 67 -12.05 12.26 12.93
N GLY B 68 -10.90 11.60 12.78
CA GLY B 68 -9.66 12.34 12.58
C GLY B 68 -9.64 13.02 11.23
N LEU B 69 -10.02 12.28 10.21
CA LEU B 69 -10.06 12.81 8.84
C LEU B 69 -10.96 14.03 8.75
N ARG B 70 -12.05 14.01 9.50
CA ARG B 70 -12.99 15.11 9.48
C ARG B 70 -12.49 16.34 10.22
N LEU B 71 -11.95 16.15 11.43
CA LEU B 71 -11.44 17.26 12.21
C LEU B 71 -10.43 18.06 11.41
N ASN B 72 -9.71 17.39 10.51
CA ASN B 72 -8.71 18.04 9.69
C ASN B 72 -9.23 18.45 8.33
N ASN B 73 -10.55 18.42 8.17
CA ASN B 73 -11.17 18.81 6.92
C ASN B 73 -10.66 17.96 5.75
N MET B 74 -10.34 16.70 6.03
CA MET B 74 -9.82 15.77 5.03
C MET B 74 -10.86 14.72 4.67
N ASN B 75 -12.13 15.11 4.75
CA ASN B 75 -13.22 14.19 4.43
C ASN B 75 -13.89 14.64 3.14
N LYS B 76 -13.08 14.76 2.10
CA LYS B 76 -13.56 15.16 0.77
C LYS B 76 -12.90 14.23 -0.23
N TYR B 77 -13.61 13.21 -0.69
CA TYR B 77 -13.05 12.27 -1.65
C TYR B 77 -13.84 12.25 -2.95
N ASP B 78 -13.22 11.73 -4.00
CA ASP B 78 -13.89 11.63 -5.31
C ASP B 78 -14.52 10.26 -5.48
N TYR B 79 -13.96 9.27 -4.78
CA TYR B 79 -14.48 7.89 -4.82
C TYR B 79 -14.36 7.24 -3.46
N VAL B 80 -15.23 6.26 -3.23
CA VAL B 80 -15.19 5.43 -2.02
C VAL B 80 -15.21 4.01 -2.56
N LEU B 81 -14.32 3.18 -2.07
CA LEU B 81 -14.24 1.82 -2.56
C LEU B 81 -14.31 0.84 -1.39
N THR B 82 -15.30 -0.04 -1.41
CA THR B 82 -15.47 -1.02 -0.36
C THR B 82 -15.65 -2.41 -0.95
N GLY B 83 -15.31 -3.43 -0.18
CA GLY B 83 -15.45 -4.79 -0.65
C GLY B 83 -15.97 -5.74 0.41
N TYR B 84 -15.25 -6.83 0.65
CA TYR B 84 -15.63 -7.80 1.66
C TYR B 84 -15.73 -7.18 3.05
N THR B 85 -16.94 -7.15 3.58
CA THR B 85 -17.23 -6.62 4.91
C THR B 85 -17.80 -7.82 5.66
N ARG B 86 -17.58 -7.91 6.97
CA ARG B 86 -18.07 -9.05 7.73
C ARG B 86 -19.05 -8.72 8.84
N ASP B 87 -19.11 -7.46 9.22
CA ASP B 87 -19.98 -7.05 10.32
C ASP B 87 -21.13 -6.16 9.88
N LYS B 88 -22.34 -6.58 10.22
CA LYS B 88 -23.53 -5.81 9.89
C LYS B 88 -23.34 -4.46 10.56
N SER B 89 -22.60 -4.47 11.65
CA SER B 89 -22.31 -3.27 12.42
C SER B 89 -21.38 -2.36 11.63
N PHE B 90 -20.28 -2.94 11.15
CA PHE B 90 -19.27 -2.21 10.39
C PHE B 90 -19.91 -1.66 9.12
N LEU B 91 -20.64 -2.52 8.41
CA LEU B 91 -21.30 -2.10 7.17
C LEU B 91 -22.22 -0.91 7.34
N ALA B 92 -22.85 -0.81 8.50
CA ALA B 92 -23.75 0.30 8.78
C ALA B 92 -22.93 1.56 8.96
N MET B 93 -21.76 1.40 9.59
CA MET B 93 -20.86 2.54 9.81
C MET B 93 -20.31 3.02 8.48
N VAL B 94 -20.04 2.07 7.57
CA VAL B 94 -19.55 2.42 6.25
C VAL B 94 -20.64 3.25 5.55
N VAL B 95 -21.86 2.74 5.56
CA VAL B 95 -22.98 3.43 4.95
C VAL B 95 -23.14 4.86 5.49
N ASP B 96 -22.98 5.03 6.80
CA ASP B 96 -23.10 6.37 7.36
C ASP B 96 -21.97 7.26 6.82
N ILE B 97 -20.77 6.70 6.72
CA ILE B 97 -19.63 7.45 6.21
C ILE B 97 -19.82 7.84 4.74
N VAL B 98 -20.17 6.87 3.90
CA VAL B 98 -20.37 7.15 2.49
C VAL B 98 -21.49 8.18 2.30
N GLN B 99 -22.47 8.16 3.19
CA GLN B 99 -23.60 9.09 3.12
C GLN B 99 -23.18 10.51 3.46
N GLU B 100 -22.13 10.65 4.24
CA GLU B 100 -21.66 11.98 4.60
C GLU B 100 -20.61 12.47 3.60
N LEU B 101 -19.83 11.56 3.04
CA LEU B 101 -18.84 11.96 2.05
C LEU B 101 -19.59 12.48 0.83
N LYS B 102 -20.83 12.02 0.66
CA LYS B 102 -21.65 12.46 -0.46
C LYS B 102 -22.37 13.77 -0.17
N GLN B 103 -22.53 14.08 1.12
CA GLN B 103 -23.15 15.34 1.51
C GLN B 103 -22.07 16.38 1.31
N GLN B 104 -20.83 15.96 1.60
CA GLN B 104 -19.65 16.81 1.47
C GLN B 104 -19.32 17.05 0.01
N ASN B 105 -19.51 16.03 -0.81
CA ASN B 105 -19.23 16.11 -2.23
C ASN B 105 -20.20 15.25 -3.04
N PRO B 106 -21.26 15.88 -3.57
CA PRO B 106 -22.30 15.25 -4.36
C PRO B 106 -21.80 14.48 -5.59
N ARG B 107 -20.65 14.88 -6.10
CA ARG B 107 -20.09 14.23 -7.28
C ARG B 107 -19.31 12.96 -6.94
N LEU B 108 -19.21 12.66 -5.66
CA LEU B 108 -18.50 11.46 -5.22
C LEU B 108 -19.11 10.20 -5.81
N VAL B 109 -18.25 9.25 -6.17
CA VAL B 109 -18.68 7.99 -6.74
C VAL B 109 -18.32 6.81 -5.82
N TYR B 110 -19.33 6.11 -5.33
CA TYR B 110 -19.12 4.96 -4.46
C TYR B 110 -19.03 3.68 -5.28
N VAL B 111 -17.86 3.07 -5.34
CA VAL B 111 -17.74 1.80 -6.06
C VAL B 111 -17.87 0.72 -5.00
N CYS B 112 -18.96 -0.03 -5.04
CA CYS B 112 -19.19 -1.07 -4.05
C CYS B 112 -19.21 -2.49 -4.60
N ASP B 113 -18.35 -3.34 -4.05
CA ASP B 113 -18.31 -4.76 -4.42
C ASP B 113 -19.11 -5.48 -3.32
N PRO B 114 -20.41 -5.75 -3.57
CA PRO B 114 -21.30 -6.41 -2.61
C PRO B 114 -20.90 -7.87 -2.36
N VAL B 115 -19.80 -8.06 -1.63
CA VAL B 115 -19.31 -9.41 -1.34
C VAL B 115 -20.29 -10.17 -0.46
N LEU B 116 -20.86 -11.26 -1.00
CA LEU B 116 -21.83 -12.09 -0.29
C LEU B 116 -21.51 -13.57 -0.29
N GLY B 117 -21.05 -14.05 -1.42
CA GLY B 117 -20.71 -15.44 -1.56
C GLY B 117 -20.43 -15.68 -3.03
N ASP B 118 -20.31 -16.94 -3.40
CA ASP B 118 -20.07 -17.29 -4.79
C ASP B 118 -20.68 -18.68 -4.92
N LYS B 119 -20.40 -19.36 -6.02
CA LYS B 119 -20.92 -20.69 -6.24
C LYS B 119 -19.86 -21.60 -6.81
N TRP B 120 -19.94 -22.89 -6.44
CA TRP B 120 -18.99 -23.90 -6.91
C TRP B 120 -19.71 -25.09 -7.52
N ASP B 121 -19.37 -25.40 -8.76
CA ASP B 121 -19.97 -26.51 -9.51
C ASP B 121 -21.49 -26.41 -9.65
N GLY B 122 -22.01 -25.18 -9.54
CA GLY B 122 -23.44 -24.98 -9.68
C GLY B 122 -24.12 -24.60 -8.39
N GLU B 123 -23.65 -25.15 -7.27
CA GLU B 123 -24.26 -24.84 -5.99
C GLU B 123 -23.64 -23.58 -5.38
N GLY B 124 -24.48 -22.60 -5.09
CA GLY B 124 -24.02 -21.37 -4.50
C GLY B 124 -24.42 -21.24 -3.05
N SER B 125 -23.57 -20.64 -2.24
CA SER B 125 -23.85 -20.44 -0.83
C SER B 125 -23.10 -19.21 -0.35
N MET B 126 -23.52 -18.66 0.78
CA MET B 126 -22.89 -17.45 1.31
C MET B 126 -21.70 -17.70 2.22
N TYR B 127 -20.83 -16.70 2.30
CA TYR B 127 -19.67 -16.78 3.16
C TYR B 127 -19.46 -15.43 3.87
N VAL B 128 -20.59 -14.90 4.32
CA VAL B 128 -20.69 -13.65 5.04
C VAL B 128 -21.99 -13.76 5.84
N PRO B 129 -22.10 -13.08 6.98
CA PRO B 129 -23.35 -13.20 7.74
C PRO B 129 -24.58 -12.88 6.89
N GLU B 130 -25.59 -13.75 6.94
CA GLU B 130 -26.81 -13.54 6.17
C GLU B 130 -27.54 -12.25 6.52
N ASP B 131 -27.39 -11.77 7.76
CA ASP B 131 -28.06 -10.55 8.17
C ASP B 131 -27.44 -9.33 7.48
N LEU B 132 -26.57 -9.61 6.53
CA LEU B 132 -25.88 -8.55 5.77
C LEU B 132 -26.68 -8.22 4.51
N LEU B 133 -27.32 -9.24 3.96
CA LEU B 133 -28.11 -9.06 2.74
C LEU B 133 -29.15 -7.94 2.83
N PRO B 134 -29.87 -7.82 3.96
CA PRO B 134 -30.86 -6.73 4.03
C PRO B 134 -30.18 -5.36 4.00
N VAL B 135 -29.10 -5.23 4.77
CA VAL B 135 -28.35 -3.98 4.85
C VAL B 135 -27.87 -3.54 3.47
N TYR B 136 -27.38 -4.49 2.68
CA TYR B 136 -26.89 -4.18 1.35
C TYR B 136 -28.04 -3.69 0.47
N LYS B 137 -29.11 -4.49 0.40
CA LYS B 137 -30.29 -4.16 -0.38
C LYS B 137 -30.87 -2.79 -0.06
N GLU B 138 -31.12 -2.57 1.22
CA GLU B 138 -31.73 -1.32 1.66
C GLU B 138 -30.82 -0.12 1.89
N LYS B 139 -29.56 -0.36 2.28
CA LYS B 139 -28.68 0.77 2.54
C LYS B 139 -27.47 0.92 1.62
N VAL B 140 -26.74 -0.17 1.39
CA VAL B 140 -25.54 -0.08 0.56
C VAL B 140 -25.78 0.15 -0.92
N VAL B 141 -26.51 -0.76 -1.58
CA VAL B 141 -26.75 -0.62 -3.01
C VAL B 141 -27.43 0.69 -3.41
N PRO B 142 -28.42 1.15 -2.63
CA PRO B 142 -29.10 2.41 -2.94
C PRO B 142 -28.11 3.56 -3.04
N LEU B 143 -27.03 3.45 -2.26
CA LEU B 143 -25.98 4.46 -2.21
C LEU B 143 -24.88 4.25 -3.23
N ALA B 144 -24.84 3.06 -3.81
CA ALA B 144 -23.81 2.72 -4.79
C ALA B 144 -24.04 3.38 -6.13
N ASP B 145 -22.96 3.50 -6.88
CA ASP B 145 -22.94 4.08 -8.21
C ASP B 145 -22.44 3.02 -9.18
N ILE B 146 -21.54 2.19 -8.68
CA ILE B 146 -20.99 1.12 -9.50
C ILE B 146 -20.83 -0.10 -8.63
N ILE B 147 -21.63 -1.14 -8.88
CA ILE B 147 -21.50 -2.37 -8.12
C ILE B 147 -20.94 -3.41 -9.05
N THR B 148 -20.13 -4.32 -8.50
CA THR B 148 -19.51 -5.38 -9.29
C THR B 148 -19.81 -6.74 -8.69
N PRO B 149 -21.09 -7.12 -8.57
CA PRO B 149 -21.40 -8.41 -7.99
C PRO B 149 -21.23 -9.57 -8.98
N ASN B 150 -20.82 -10.74 -8.47
CA ASN B 150 -20.69 -11.90 -9.33
C ASN B 150 -22.13 -12.40 -9.51
N GLN B 151 -22.32 -13.48 -10.27
CA GLN B 151 -23.66 -13.99 -10.48
C GLN B 151 -24.42 -14.23 -9.18
N PHE B 152 -23.88 -15.09 -8.31
CA PHE B 152 -24.55 -15.41 -7.06
C PHE B 152 -25.03 -14.16 -6.29
N GLU B 153 -24.16 -13.19 -6.11
CA GLU B 153 -24.55 -11.98 -5.37
C GLU B 153 -25.62 -11.17 -6.13
N ALA B 154 -25.61 -11.27 -7.46
CA ALA B 154 -26.59 -10.58 -8.29
C ALA B 154 -27.97 -11.21 -8.09
N GLU B 155 -28.00 -12.55 -8.00
CA GLU B 155 -29.25 -13.28 -7.78
C GLU B 155 -29.73 -13.03 -6.35
N LEU B 156 -28.80 -12.88 -5.41
CA LEU B 156 -29.16 -12.63 -4.02
C LEU B 156 -29.69 -11.22 -3.81
N LEU B 157 -29.06 -10.26 -4.48
CA LEU B 157 -29.48 -8.86 -4.33
C LEU B 157 -30.83 -8.56 -4.96
N SER B 158 -31.13 -9.26 -6.05
CA SER B 158 -32.39 -9.06 -6.76
C SER B 158 -33.49 -10.01 -6.32
N GLY B 159 -33.14 -11.28 -6.14
CA GLY B 159 -34.13 -12.26 -5.72
C GLY B 159 -34.49 -13.21 -6.85
N ARG B 160 -33.92 -13.00 -8.04
CA ARG B 160 -34.22 -13.84 -9.18
C ARG B 160 -33.01 -14.61 -9.68
N LYS B 161 -33.12 -15.93 -9.67
CA LYS B 161 -32.03 -16.79 -10.14
C LYS B 161 -31.75 -16.46 -11.61
N ILE B 162 -30.48 -16.54 -12.01
CA ILE B 162 -30.10 -16.23 -13.37
C ILE B 162 -29.75 -17.50 -14.14
N HIS B 163 -30.64 -17.90 -15.04
CA HIS B 163 -30.45 -19.12 -15.82
C HIS B 163 -29.90 -18.87 -17.23
N SER B 164 -30.11 -17.67 -17.75
CA SER B 164 -29.64 -17.33 -19.10
C SER B 164 -29.25 -15.87 -19.18
N GLN B 165 -28.82 -15.44 -20.36
CA GLN B 165 -28.41 -14.06 -20.56
C GLN B 165 -29.60 -13.11 -20.34
N GLU B 166 -30.80 -13.58 -20.66
CA GLU B 166 -32.02 -12.78 -20.51
C GLU B 166 -32.30 -12.42 -19.06
N GLU B 167 -32.30 -13.43 -18.20
CA GLU B 167 -32.56 -13.20 -16.80
C GLU B 167 -31.48 -12.33 -16.17
N ALA B 168 -30.27 -12.43 -16.70
CA ALA B 168 -29.17 -11.62 -16.21
C ALA B 168 -29.51 -10.16 -16.48
N LEU B 169 -29.79 -9.85 -17.74
CA LEU B 169 -30.14 -8.50 -18.12
C LEU B 169 -31.34 -7.94 -17.33
N ARG B 170 -32.35 -8.78 -17.07
CA ARG B 170 -33.50 -8.35 -16.30
C ARG B 170 -33.07 -8.05 -14.87
N VAL B 171 -32.12 -8.84 -14.36
CA VAL B 171 -31.62 -8.66 -13.01
C VAL B 171 -30.82 -7.37 -12.98
N MET B 172 -30.06 -7.10 -14.03
CA MET B 172 -29.28 -5.88 -14.06
C MET B 172 -30.22 -4.66 -14.04
N ASP B 173 -31.27 -4.69 -14.85
CA ASP B 173 -32.20 -3.59 -14.86
C ASP B 173 -32.70 -3.39 -13.43
N MET B 174 -33.03 -4.49 -12.77
CA MET B 174 -33.51 -4.45 -11.40
C MET B 174 -32.46 -3.83 -10.50
N LEU B 175 -31.22 -4.27 -10.64
CA LEU B 175 -30.14 -3.72 -9.84
C LEU B 175 -30.00 -2.24 -10.13
N HIS B 176 -30.17 -1.86 -11.39
CA HIS B 176 -30.10 -0.45 -11.76
C HIS B 176 -31.16 0.32 -10.98
N SER B 177 -32.40 -0.14 -11.06
CA SER B 177 -33.48 0.52 -10.38
C SER B 177 -33.21 0.70 -8.90
N MET B 178 -32.44 -0.22 -8.32
CA MET B 178 -32.11 -0.16 -6.90
C MET B 178 -31.22 1.03 -6.58
N GLY B 179 -30.38 1.42 -7.55
CA GLY B 179 -29.51 2.56 -7.34
C GLY B 179 -28.38 2.89 -8.31
N PRO B 180 -27.32 2.08 -8.38
CA PRO B 180 -26.17 2.30 -9.25
C PRO B 180 -26.40 2.27 -10.76
N ASP B 181 -25.79 3.22 -11.47
CA ASP B 181 -25.93 3.30 -12.93
C ASP B 181 -24.99 2.36 -13.65
N THR B 182 -24.02 1.81 -12.92
CA THR B 182 -23.06 0.87 -13.50
C THR B 182 -23.17 -0.45 -12.77
N VAL B 183 -23.51 -1.49 -13.49
CA VAL B 183 -23.63 -2.81 -12.90
C VAL B 183 -22.83 -3.78 -13.75
N VAL B 184 -21.82 -4.39 -13.16
CA VAL B 184 -21.01 -5.36 -13.87
C VAL B 184 -21.04 -6.68 -13.12
N ILE B 185 -21.50 -7.75 -13.79
CA ILE B 185 -21.53 -9.06 -13.16
C ILE B 185 -20.15 -9.63 -13.47
N THR B 186 -19.25 -9.50 -12.50
CA THR B 186 -17.87 -9.93 -12.64
C THR B 186 -17.64 -11.38 -13.04
N SER B 187 -18.62 -12.23 -12.84
CA SER B 187 -18.49 -13.63 -13.25
C SER B 187 -19.83 -14.34 -13.14
N SER B 188 -20.04 -15.32 -14.01
CA SER B 188 -21.28 -16.10 -14.02
C SER B 188 -20.97 -17.33 -14.85
N ASP B 189 -21.61 -18.44 -14.53
CA ASP B 189 -21.38 -19.67 -15.29
C ASP B 189 -22.40 -19.85 -16.40
N LEU B 190 -22.77 -18.75 -17.07
CA LEU B 190 -23.72 -18.81 -18.16
C LEU B 190 -23.11 -19.53 -19.37
N PRO B 191 -23.95 -20.00 -20.30
CA PRO B 191 -23.45 -20.71 -21.48
C PRO B 191 -22.66 -19.78 -22.37
N SER B 192 -21.56 -20.28 -22.93
CA SER B 192 -20.73 -19.50 -23.84
C SER B 192 -20.55 -20.27 -25.14
N PRO B 193 -20.75 -19.61 -26.28
CA PRO B 193 -20.59 -20.27 -27.58
C PRO B 193 -19.13 -20.59 -27.85
N GLN B 194 -18.37 -20.86 -26.80
CA GLN B 194 -16.96 -21.18 -26.95
C GLN B 194 -16.50 -22.34 -26.08
N GLY B 195 -17.43 -22.98 -25.38
CA GLY B 195 -17.06 -24.10 -24.55
C GLY B 195 -17.63 -24.03 -23.15
N SER B 196 -17.35 -25.06 -22.37
CA SER B 196 -17.82 -25.15 -21.00
C SER B 196 -16.90 -24.39 -20.05
N ASN B 197 -15.61 -24.39 -20.38
CA ASN B 197 -14.61 -23.73 -19.56
C ASN B 197 -14.48 -22.22 -19.78
N TYR B 198 -15.63 -21.56 -19.91
CA TYR B 198 -15.67 -20.11 -20.10
C TYR B 198 -16.62 -19.48 -19.12
N LEU B 199 -16.14 -18.48 -18.41
CA LEU B 199 -16.95 -17.75 -17.45
C LEU B 199 -17.40 -16.51 -18.22
N ILE B 200 -18.59 -16.04 -17.92
CA ILE B 200 -19.13 -14.89 -18.62
C ILE B 200 -19.18 -13.63 -17.75
N VAL B 201 -18.85 -12.49 -18.36
CA VAL B 201 -18.90 -11.19 -17.67
C VAL B 201 -19.91 -10.34 -18.40
N LEU B 202 -20.77 -9.63 -17.67
CA LEU B 202 -21.78 -8.77 -18.29
C LEU B 202 -21.74 -7.36 -17.71
N GLY B 203 -21.77 -6.36 -18.58
CA GLY B 203 -21.73 -4.98 -18.15
C GLY B 203 -22.92 -4.16 -18.62
N SER B 204 -23.31 -3.20 -17.80
CA SER B 204 -24.46 -2.35 -18.10
C SER B 204 -24.30 -1.01 -17.39
N GLN B 205 -24.25 0.06 -18.17
CA GLN B 205 -24.08 1.39 -17.60
C GLN B 205 -25.14 2.35 -18.09
N ARG B 206 -25.75 3.08 -17.15
CA ARG B 206 -26.79 4.06 -17.46
C ARG B 206 -26.19 5.43 -17.27
N ARG B 207 -26.38 6.30 -18.25
CA ARG B 207 -25.86 7.66 -18.19
C ARG B 207 -26.66 8.56 -19.12
N ARG B 208 -26.70 9.85 -18.81
CA ARG B 208 -27.39 10.77 -19.69
C ARG B 208 -26.28 11.46 -20.44
N ASN B 209 -26.43 11.57 -21.75
CA ASN B 209 -25.43 12.18 -22.63
C ASN B 209 -25.55 13.70 -22.72
N PRO B 210 -24.59 14.37 -23.39
CA PRO B 210 -24.58 15.82 -23.55
C PRO B 210 -25.97 16.42 -23.76
N ALA B 211 -26.66 15.93 -24.79
CA ALA B 211 -28.00 16.40 -25.11
C ALA B 211 -28.93 16.28 -23.91
N GLY B 212 -28.75 15.22 -23.12
CA GLY B 212 -29.57 15.04 -21.94
C GLY B 212 -30.46 13.80 -21.95
N SER B 213 -30.29 12.97 -22.97
CA SER B 213 -31.08 11.75 -23.09
C SER B 213 -30.42 10.66 -22.23
N VAL B 214 -31.20 9.98 -21.38
CA VAL B 214 -30.68 8.91 -20.55
C VAL B 214 -30.55 7.62 -21.36
N VAL B 215 -29.33 7.21 -21.66
CA VAL B 215 -29.10 6.00 -22.45
C VAL B 215 -28.36 4.91 -21.68
N MET B 216 -28.30 3.72 -22.25
CA MET B 216 -27.63 2.58 -21.62
C MET B 216 -26.78 1.76 -22.58
N GLU B 217 -25.53 1.53 -22.21
CA GLU B 217 -24.62 0.72 -23.01
C GLU B 217 -24.43 -0.61 -22.29
N ARG B 218 -24.49 -1.71 -23.03
CA ARG B 218 -24.36 -3.05 -22.47
C ARG B 218 -23.28 -3.87 -23.18
N ILE B 219 -22.47 -4.60 -22.41
CA ILE B 219 -21.43 -5.42 -23.02
C ILE B 219 -21.38 -6.81 -22.43
N ARG B 220 -20.74 -7.73 -23.16
CA ARG B 220 -20.56 -9.11 -22.72
C ARG B 220 -19.16 -9.59 -23.07
N MET B 221 -18.54 -10.34 -22.16
CA MET B 221 -17.20 -10.88 -22.40
C MET B 221 -17.13 -12.34 -22.01
N ASP B 222 -16.62 -13.16 -22.92
CA ASP B 222 -16.47 -14.58 -22.68
C ASP B 222 -14.98 -14.76 -22.41
N ILE B 223 -14.68 -15.15 -21.18
CA ILE B 223 -13.31 -15.32 -20.71
C ILE B 223 -12.96 -16.78 -20.43
N ARG B 224 -11.84 -17.24 -20.96
CA ARG B 224 -11.41 -18.61 -20.73
C ARG B 224 -11.00 -18.78 -19.28
N LYS B 225 -11.26 -19.96 -18.74
CA LYS B 225 -10.94 -20.29 -17.35
C LYS B 225 -9.53 -20.81 -17.15
N VAL B 226 -8.95 -20.47 -16.00
CA VAL B 226 -7.63 -20.93 -15.62
C VAL B 226 -7.88 -21.99 -14.57
N ASP B 227 -7.29 -23.17 -14.75
CA ASP B 227 -7.48 -24.28 -13.82
C ASP B 227 -6.87 -23.98 -12.46
N ALA B 228 -7.47 -23.06 -11.71
CA ALA B 228 -6.97 -22.70 -10.39
C ALA B 228 -7.93 -21.81 -9.66
N VAL B 229 -7.74 -21.70 -8.34
CA VAL B 229 -8.59 -20.83 -7.52
C VAL B 229 -7.75 -19.71 -6.91
N PHE B 230 -7.98 -18.50 -7.41
CA PHE B 230 -7.29 -17.31 -6.94
C PHE B 230 -8.18 -16.52 -5.97
N VAL B 231 -7.57 -15.51 -5.33
CA VAL B 231 -8.23 -14.67 -4.31
C VAL B 231 -7.64 -13.29 -4.43
N GLY B 232 -8.51 -12.28 -4.51
CA GLY B 232 -8.09 -10.90 -4.66
C GLY B 232 -8.49 -10.40 -6.04
N THR B 233 -8.90 -11.31 -6.91
CA THR B 233 -9.28 -10.97 -8.29
C THR B 233 -10.54 -10.11 -8.38
N GLY B 234 -11.49 -10.36 -7.49
CA GLY B 234 -12.71 -9.56 -7.49
C GLY B 234 -12.40 -8.14 -7.07
N ALA B 235 -11.58 -7.98 -6.02
CA ALA B 235 -11.20 -6.65 -5.55
C ALA B 235 -10.38 -5.91 -6.62
N LEU B 236 -9.48 -6.64 -7.28
CA LEU B 236 -8.65 -6.07 -8.33
C LEU B 236 -9.54 -5.64 -9.49
N PHE B 237 -10.59 -6.42 -9.76
CA PHE B 237 -11.54 -6.10 -10.82
C PHE B 237 -12.29 -4.82 -10.48
N ALA B 238 -12.81 -4.73 -9.26
CA ALA B 238 -13.55 -3.55 -8.85
C ALA B 238 -12.65 -2.34 -8.88
N ALA B 239 -11.40 -2.53 -8.45
CA ALA B 239 -10.42 -1.45 -8.42
C ALA B 239 -10.17 -0.91 -9.83
N MET B 240 -9.74 -1.78 -10.73
CA MET B 240 -9.48 -1.37 -12.11
C MET B 240 -10.72 -0.79 -12.80
N LEU B 241 -11.91 -1.29 -12.45
CA LEU B 241 -13.13 -0.76 -13.03
C LEU B 241 -13.25 0.69 -12.60
N LEU B 242 -13.00 0.94 -11.33
CA LEU B 242 -13.04 2.29 -10.80
C LEU B 242 -12.11 3.16 -11.62
N ALA B 243 -10.93 2.63 -11.92
CA ALA B 243 -9.92 3.35 -12.67
C ALA B 243 -10.22 3.57 -14.14
N TRP B 244 -10.59 2.51 -14.84
CA TRP B 244 -10.88 2.62 -16.26
C TRP B 244 -12.18 3.34 -16.59
N THR B 245 -13.18 3.27 -15.72
CA THR B 245 -14.39 4.01 -16.03
C THR B 245 -14.07 5.49 -15.79
N HIS B 246 -13.09 5.76 -14.94
CA HIS B 246 -12.70 7.14 -14.65
C HIS B 246 -12.05 7.77 -15.89
N LYS B 247 -11.21 6.99 -16.55
CA LYS B 247 -10.51 7.42 -17.75
C LYS B 247 -11.46 7.44 -18.96
N HIS B 248 -12.31 6.43 -19.06
CA HIS B 248 -13.26 6.32 -20.19
C HIS B 248 -14.69 6.31 -19.63
N PRO B 249 -15.13 7.47 -19.12
CA PRO B 249 -16.44 7.73 -18.52
C PRO B 249 -17.63 7.33 -19.35
N ASN B 250 -17.57 7.61 -20.63
CA ASN B 250 -18.70 7.31 -21.47
C ASN B 250 -18.49 6.10 -22.35
N ASN B 251 -17.55 5.25 -22.00
CA ASN B 251 -17.30 4.06 -22.80
C ASN B 251 -17.11 2.83 -21.93
N LEU B 252 -18.21 2.20 -21.54
CA LEU B 252 -18.14 1.02 -20.70
C LEU B 252 -17.43 -0.16 -21.38
N LYS B 253 -17.48 -0.22 -22.71
CA LYS B 253 -16.83 -1.31 -23.45
C LYS B 253 -15.30 -1.27 -23.31
N VAL B 254 -14.75 -0.05 -23.28
CA VAL B 254 -13.30 0.14 -23.12
C VAL B 254 -12.89 -0.07 -21.65
N ALA B 255 -13.69 0.44 -20.73
CA ALA B 255 -13.40 0.29 -19.30
C ALA B 255 -13.29 -1.18 -18.99
N CYS B 256 -14.26 -1.95 -19.47
CA CYS B 256 -14.29 -3.38 -19.21
C CYS B 256 -13.18 -4.14 -19.93
N GLU B 257 -12.96 -3.80 -21.20
CA GLU B 257 -11.94 -4.46 -21.97
C GLU B 257 -10.57 -4.33 -21.30
N LYS B 258 -10.29 -3.15 -20.78
CA LYS B 258 -9.03 -2.91 -20.08
C LYS B 258 -9.03 -3.66 -18.74
N THR B 259 -10.08 -3.51 -17.95
CA THR B 259 -10.15 -4.20 -16.69
C THR B 259 -9.88 -5.70 -16.86
N VAL B 260 -10.75 -6.38 -17.62
CA VAL B 260 -10.61 -7.81 -17.87
C VAL B 260 -9.25 -8.16 -18.45
N SER B 261 -8.73 -7.34 -19.36
CA SER B 261 -7.42 -7.63 -19.91
C SER B 261 -6.34 -7.53 -18.84
N THR B 262 -6.41 -6.50 -17.99
CA THR B 262 -5.42 -6.39 -16.92
C THR B 262 -5.49 -7.67 -16.08
N LEU B 263 -6.69 -8.07 -15.69
CA LEU B 263 -6.87 -9.28 -14.90
C LEU B 263 -6.28 -10.49 -15.57
N HIS B 264 -6.36 -10.52 -16.91
CA HIS B 264 -5.82 -11.62 -17.68
C HIS B 264 -4.30 -11.71 -17.55
N HIS B 265 -3.63 -10.60 -17.88
CA HIS B 265 -2.17 -10.57 -17.81
C HIS B 265 -1.63 -10.90 -16.43
N VAL B 266 -2.36 -10.49 -15.38
CA VAL B 266 -1.92 -10.76 -14.02
C VAL B 266 -2.02 -12.23 -13.70
N LEU B 267 -3.17 -12.82 -14.00
CA LEU B 267 -3.39 -14.23 -13.73
C LEU B 267 -2.52 -15.08 -14.65
N GLN B 268 -2.31 -14.63 -15.88
CA GLN B 268 -1.50 -15.43 -16.79
C GLN B 268 -0.09 -15.51 -16.24
N ARG B 269 0.42 -14.40 -15.73
CA ARG B 269 1.76 -14.37 -15.17
C ARG B 269 1.80 -15.10 -13.83
N THR B 270 0.69 -15.03 -13.09
CA THR B 270 0.61 -15.66 -11.79
C THR B 270 0.53 -17.17 -11.88
N ILE B 271 -0.19 -17.67 -12.86
CA ILE B 271 -0.35 -19.10 -13.01
C ILE B 271 0.92 -19.79 -13.48
N GLN B 272 1.59 -19.20 -14.44
CA GLN B 272 2.82 -19.80 -14.94
C GLN B 272 3.97 -19.66 -13.96
N CYS B 273 3.92 -18.64 -13.12
CA CYS B 273 4.97 -18.44 -12.14
C CYS B 273 4.64 -19.26 -10.89
N ALA B 274 3.43 -19.83 -10.86
CA ALA B 274 2.99 -20.64 -9.73
C ALA B 274 3.25 -22.11 -10.04
N LYS B 275 3.13 -22.46 -11.32
CA LYS B 275 3.36 -23.82 -11.75
C LYS B 275 4.84 -24.15 -11.59
N ALA B 276 5.71 -23.21 -11.92
CA ALA B 276 7.15 -23.41 -11.80
C ALA B 276 7.54 -23.53 -10.33
N GLN B 277 6.82 -22.82 -9.50
CA GLN B 277 7.07 -22.84 -8.08
C GLN B 277 6.55 -24.16 -7.49
N ALA B 278 5.35 -24.58 -7.85
CA ALA B 278 4.90 -25.86 -7.34
C ALA B 278 5.62 -26.97 -8.12
N GLY B 279 6.12 -26.63 -9.30
CA GLY B 279 6.76 -27.63 -10.14
C GLY B 279 5.72 -28.56 -10.75
N GLU B 280 6.08 -29.19 -11.88
CA GLU B 280 5.27 -30.14 -12.69
C GLU B 280 4.33 -31.08 -11.96
N GLY B 281 3.03 -30.89 -12.12
CA GLY B 281 2.15 -31.71 -11.35
C GLY B 281 2.37 -31.39 -9.86
N VAL B 282 1.33 -30.86 -9.26
CA VAL B 282 1.10 -30.54 -7.85
C VAL B 282 0.35 -29.34 -8.18
N ARG B 283 -0.64 -29.14 -7.36
CA ARG B 283 -1.49 -28.05 -7.57
C ARG B 283 -0.78 -27.00 -6.84
N PRO B 284 -0.90 -25.76 -7.33
CA PRO B 284 -0.20 -24.69 -6.63
C PRO B 284 -0.90 -24.37 -5.30
N SER B 285 -0.12 -24.16 -4.25
CA SER B 285 -0.71 -23.84 -2.96
C SER B 285 -1.23 -22.41 -3.02
N PRO B 286 -2.08 -22.03 -2.06
CA PRO B 286 -2.63 -20.67 -2.02
C PRO B 286 -1.52 -19.62 -2.01
N MET B 287 -0.34 -20.00 -1.51
CA MET B 287 0.79 -19.08 -1.42
C MET B 287 1.42 -18.86 -2.80
N GLN B 288 1.58 -19.94 -3.55
CA GLN B 288 2.16 -19.87 -4.87
C GLN B 288 1.18 -19.22 -5.87
N LEU B 289 -0.09 -19.14 -5.49
CA LEU B 289 -1.10 -18.55 -6.37
C LEU B 289 -1.46 -17.11 -6.02
N GLU B 290 -0.74 -16.53 -5.06
CA GLU B 290 -0.95 -15.14 -4.68
C GLU B 290 -0.73 -14.35 -5.94
N LEU B 291 -1.60 -13.38 -6.21
CA LEU B 291 -1.47 -12.57 -7.42
C LEU B 291 -0.07 -11.95 -7.52
N ARG B 292 0.53 -12.01 -8.69
CA ARG B 292 1.87 -11.43 -8.89
C ARG B 292 1.68 -9.95 -9.20
N MET B 293 1.23 -9.18 -8.22
CA MET B 293 0.98 -7.75 -8.38
C MET B 293 2.17 -6.89 -8.83
N VAL B 294 3.21 -6.73 -7.98
CA VAL B 294 4.35 -5.87 -8.36
C VAL B 294 5.03 -6.28 -9.66
N GLN B 295 4.93 -7.54 -10.04
CA GLN B 295 5.56 -7.98 -11.28
C GLN B 295 4.71 -7.59 -12.50
N SER B 296 3.47 -7.14 -12.27
CA SER B 296 2.60 -6.78 -13.39
C SER B 296 2.39 -5.26 -13.49
N LYS B 297 3.32 -4.49 -12.96
CA LYS B 297 3.20 -3.04 -12.98
C LYS B 297 2.91 -2.51 -14.38
N ARG B 298 3.73 -2.92 -15.34
CA ARG B 298 3.56 -2.47 -16.71
C ARG B 298 2.24 -2.87 -17.34
N ASP B 299 1.69 -4.01 -16.92
CA ASP B 299 0.42 -4.46 -17.47
C ASP B 299 -0.75 -3.63 -16.93
N ILE B 300 -0.60 -3.15 -15.70
CA ILE B 300 -1.61 -2.33 -15.06
C ILE B 300 -1.63 -0.93 -15.65
N GLU B 301 -0.46 -0.34 -15.84
CA GLU B 301 -0.37 0.99 -16.42
C GLU B 301 -1.00 1.05 -17.81
N ASP B 302 -0.59 0.17 -18.71
CA ASP B 302 -1.12 0.17 -20.07
C ASP B 302 -1.44 -1.25 -20.55
N PRO B 303 -2.59 -1.79 -20.13
CA PRO B 303 -3.04 -3.14 -20.50
C PRO B 303 -3.13 -3.35 -22.01
N GLU B 304 -2.49 -4.41 -22.50
CA GLU B 304 -2.56 -4.75 -23.91
C GLU B 304 -3.89 -5.47 -23.93
N ILE B 305 -4.82 -5.02 -24.78
CA ILE B 305 -6.15 -5.64 -24.86
C ILE B 305 -6.15 -6.95 -25.63
N VAL B 306 -6.41 -8.03 -24.90
CA VAL B 306 -6.41 -9.37 -25.48
C VAL B 306 -7.81 -9.91 -25.70
N VAL B 307 -8.80 -9.25 -25.10
CA VAL B 307 -10.18 -9.67 -25.24
C VAL B 307 -11.06 -8.46 -25.50
N GLN B 308 -11.82 -8.52 -26.58
CA GLN B 308 -12.71 -7.43 -26.96
C GLN B 308 -14.10 -7.87 -26.54
N ALA B 309 -14.86 -6.98 -25.90
CA ALA B 309 -16.20 -7.31 -25.45
C ALA B 309 -17.21 -7.37 -26.61
N THR B 310 -18.33 -8.04 -26.34
CA THR B 310 -19.41 -8.15 -27.31
C THR B 310 -20.44 -7.08 -26.96
N VAL B 311 -20.93 -6.38 -27.98
CA VAL B 311 -21.91 -5.33 -27.75
C VAL B 311 -23.34 -5.85 -27.65
N LEU B 312 -23.97 -5.63 -26.51
CA LEU B 312 -25.35 -6.04 -26.33
C LEU B 312 -26.20 -4.79 -26.41
#